data_7S6U
#
_entry.id   7S6U
#
_cell.length_a   156.368
_cell.length_b   39.519
_cell.length_c   62.608
_cell.angle_alpha   90.000
_cell.angle_beta   100.530
_cell.angle_gamma   90.000
#
_symmetry.space_group_name_H-M   'C 1 2 1'
#
loop_
_entity.id
_entity.type
_entity.pdbx_description
1 polymer 'Glycogen synthase kinase 3'
2 non-polymer 4-(2-methyl-3-propan-2-yl-imidazol-4-yl)-~{N}-(4-methylsulfonylphenyl)pyrimidin-2-amine
3 non-polymer 1,2-ETHANEDIOL
4 non-polymer 'CACODYLATE ION'
5 water water
#
_entity_poly.entity_id   1
_entity_poly.type   'polypeptide(L)'
_entity_poly.pdbx_seq_one_letter_code
;SMSLNAADAADERSRKEMDRFQVERMAGQGTFGTVQLGKEKSTGMSVAIKKVIQDPRFRNRELQIMQDLAVLHHPNIVQL
QSYFYTLGERDRRDIYLNVVMEYVPDTLHRCCRNYYRRQVAPPPILIKVFLFQLIRSIGCLHLPSVNVCHRDIKPHNVLV
NEADGTLKLCDFGSAKKLSPSEPNVA(PTR)ICSRYYRAPELIFGNQHYTTSVDIWSVGCIFAEMMLGEPIFRGDNSAGQ
LHEIVRVLGCPSREVLRKLNPSHTDVDLYNSKGIPWSSVFCDHSLKDAKEAYDLLSALLQYLPEDRMKPYEALCHPYFDE
LHDSATKLPNNKDLPEDLFRFLPSEIEVMSEAQKAKLVRK
;
_entity_poly.pdbx_strand_id   A
#
# COMPACT_ATOMS: atom_id res chain seq x y z
N MET A 2 19.39 -22.13 -11.80
CA MET A 2 20.05 -20.82 -12.13
C MET A 2 19.43 -20.24 -13.42
N SER A 3 19.68 -20.79 -14.61
CA SER A 3 18.92 -20.40 -15.84
C SER A 3 17.44 -20.70 -15.58
N LEU A 4 16.54 -19.94 -16.23
CA LEU A 4 15.12 -20.24 -16.18
C LEU A 4 14.99 -21.32 -17.28
N ASN A 5 14.06 -22.24 -17.14
CA ASN A 5 13.93 -23.39 -18.07
C ASN A 5 13.14 -22.95 -19.31
N ALA A 6 13.83 -22.88 -20.46
CA ALA A 6 13.28 -22.47 -21.78
C ALA A 6 12.08 -23.35 -22.12
N ALA A 7 12.04 -24.55 -21.59
CA ALA A 7 10.98 -25.48 -21.91
C ALA A 7 9.68 -25.09 -21.26
N ASP A 8 9.78 -24.29 -20.21
CA ASP A 8 8.57 -23.78 -19.53
C ASP A 8 8.04 -22.52 -20.22
N ALA A 9 8.75 -21.93 -21.18
CA ALA A 9 8.23 -20.75 -21.89
C ALA A 9 6.96 -21.12 -22.64
N ALA A 10 5.93 -20.28 -22.59
CA ALA A 10 4.73 -20.57 -23.33
C ALA A 10 4.91 -20.22 -24.79
N ASP A 11 5.84 -19.34 -25.08
CA ASP A 11 6.05 -18.90 -26.45
C ASP A 11 7.45 -18.31 -26.66
N GLU A 12 7.78 -17.98 -27.90
CA GLU A 12 9.08 -17.41 -28.21
C GLU A 12 9.38 -16.09 -27.49
N ARG A 13 8.44 -15.14 -27.54
CA ARG A 13 8.63 -13.87 -26.80
C ARG A 13 9.02 -14.18 -25.35
N SER A 14 8.31 -15.12 -24.73
CA SER A 14 8.48 -15.47 -23.30
C SER A 14 9.87 -16.12 -23.12
N ARG A 15 10.29 -17.00 -24.04
CA ARG A 15 11.62 -17.66 -23.92
C ARG A 15 12.73 -16.57 -23.96
N LYS A 16 12.54 -15.55 -24.75
CA LYS A 16 13.54 -14.48 -24.94
C LYS A 16 13.57 -13.63 -23.67
N GLU A 17 12.43 -13.30 -23.08
CA GLU A 17 12.35 -12.51 -21.82
C GLU A 17 13.00 -13.34 -20.72
N MET A 18 12.73 -14.64 -20.68
CA MET A 18 13.21 -15.50 -19.60
C MET A 18 14.75 -15.57 -19.60
N ASP A 19 15.32 -15.53 -20.80
CA ASP A 19 16.78 -15.62 -20.98
C ASP A 19 17.47 -14.38 -20.38
N ARG A 20 16.73 -13.32 -20.04
CA ARG A 20 17.33 -12.10 -19.44
C ARG A 20 17.66 -12.36 -17.98
N PHE A 21 17.03 -13.38 -17.35
CA PHE A 21 17.02 -13.51 -15.85
C PHE A 21 17.58 -14.87 -15.42
N GLN A 22 18.20 -14.87 -14.27
CA GLN A 22 18.59 -16.12 -13.57
C GLN A 22 17.77 -16.17 -12.27
N VAL A 23 17.42 -17.35 -11.82
CA VAL A 23 16.69 -17.56 -10.53
C VAL A 23 17.72 -17.91 -9.48
N GLU A 24 17.63 -17.24 -8.33
CA GLU A 24 18.53 -17.51 -7.21
C GLU A 24 17.76 -18.49 -6.29
N ARG A 25 16.57 -18.09 -5.83
CA ARG A 25 15.84 -18.91 -4.86
C ARG A 25 14.42 -18.44 -4.70
N MET A 26 13.60 -19.22 -4.02
CA MET A 26 12.23 -18.82 -3.73
C MET A 26 12.25 -17.72 -2.70
N ALA A 27 11.48 -16.69 -2.88
CA ALA A 27 11.37 -15.64 -1.88
C ALA A 27 10.13 -15.86 -1.02
N GLY A 28 9.01 -16.13 -1.65
CA GLY A 28 7.79 -16.33 -0.93
C GLY A 28 6.65 -16.87 -1.78
N GLN A 29 5.74 -17.59 -1.15
CA GLN A 29 4.59 -18.10 -1.87
C GLN A 29 3.34 -17.95 -1.04
N GLY A 30 2.22 -17.79 -1.71
CA GLY A 30 0.96 -17.55 -1.00
C GLY A 30 -0.19 -17.67 -1.98
N THR A 31 -1.31 -17.03 -1.67
CA THR A 31 -2.56 -17.04 -2.52
C THR A 31 -2.32 -16.34 -3.88
N PHE A 32 -1.61 -15.21 -3.91
CA PHE A 32 -1.24 -14.42 -5.13
C PHE A 32 -0.43 -15.22 -6.17
N GLY A 33 0.33 -16.21 -5.71
CA GLY A 33 1.29 -16.98 -6.52
C GLY A 33 2.60 -17.11 -5.80
N THR A 34 3.66 -16.98 -6.59
CA THR A 34 4.95 -17.28 -6.08
C THR A 34 5.91 -16.21 -6.52
N VAL A 35 6.75 -15.75 -5.62
CA VAL A 35 7.80 -14.77 -5.91
C VAL A 35 9.12 -15.47 -5.73
N GLN A 36 9.92 -15.45 -6.76
CA GLN A 36 11.32 -15.92 -6.75
C GLN A 36 12.22 -14.71 -6.78
N LEU A 37 13.28 -14.75 -5.99
CA LEU A 37 14.46 -13.88 -6.11
C LEU A 37 15.28 -14.34 -7.31
N GLY A 38 15.56 -13.42 -8.20
CA GLY A 38 16.43 -13.67 -9.35
C GLY A 38 17.31 -12.46 -9.57
N LYS A 39 18.04 -12.52 -10.66
CA LYS A 39 18.99 -11.48 -11.06
C LYS A 39 18.75 -11.19 -12.53
N GLU A 40 18.84 -9.91 -12.90
CA GLU A 40 18.94 -9.55 -14.30
C GLU A 40 20.38 -9.85 -14.71
N LYS A 41 20.61 -10.72 -15.69
CA LYS A 41 21.98 -11.12 -16.03
C LYS A 41 22.82 -9.96 -16.52
N SER A 42 22.21 -8.98 -17.16
CA SER A 42 22.99 -7.87 -17.77
C SER A 42 23.51 -6.89 -16.70
N THR A 43 22.75 -6.68 -15.63
CA THR A 43 23.12 -5.67 -14.64
C THR A 43 23.39 -6.22 -13.25
N GLY A 44 23.13 -7.49 -13.04
CA GLY A 44 23.26 -8.05 -11.69
C GLY A 44 22.09 -7.68 -10.77
N MET A 45 21.20 -6.82 -11.21
CA MET A 45 20.12 -6.36 -10.34
C MET A 45 19.21 -7.43 -9.78
N SER A 46 18.99 -7.39 -8.49
CA SER A 46 18.05 -8.33 -7.82
C SER A 46 16.64 -8.07 -8.34
N VAL A 47 15.93 -9.11 -8.72
CA VAL A 47 14.52 -8.96 -9.22
C VAL A 47 13.62 -9.93 -8.48
N ALA A 48 12.39 -9.50 -8.37
CA ALA A 48 11.27 -10.39 -7.94
C ALA A 48 10.55 -10.89 -9.18
N ILE A 49 10.58 -12.20 -9.34
CA ILE A 49 9.91 -12.84 -10.51
C ILE A 49 8.60 -13.41 -9.96
N LYS A 50 7.53 -12.79 -10.32
CA LYS A 50 6.24 -13.18 -9.72
C LYS A 50 5.38 -13.92 -10.71
N LYS A 51 4.98 -15.13 -10.33
CA LYS A 51 4.05 -15.99 -11.14
C LYS A 51 2.69 -15.66 -10.59
N VAL A 52 1.89 -15.00 -11.39
CA VAL A 52 0.57 -14.43 -11.02
C VAL A 52 -0.52 -15.48 -11.14
N ILE A 53 -1.23 -15.76 -10.06
CA ILE A 53 -2.43 -16.65 -10.09
C ILE A 53 -3.64 -15.74 -10.21
N GLN A 54 -4.41 -15.88 -11.28
CA GLN A 54 -5.50 -14.94 -11.59
C GLN A 54 -6.82 -15.63 -11.28
N ASP A 55 -7.55 -15.08 -10.34
CA ASP A 55 -8.89 -15.59 -9.93
C ASP A 55 -9.89 -15.20 -11.00
N PRO A 56 -10.49 -16.17 -11.77
CA PRO A 56 -11.37 -15.84 -12.88
C PRO A 56 -12.72 -15.25 -12.46
N ARG A 57 -12.99 -15.16 -11.16
CA ARG A 57 -14.20 -14.51 -10.69
C ARG A 57 -13.99 -13.00 -10.70
N PHE A 58 -12.74 -12.56 -10.79
CA PHE A 58 -12.44 -11.13 -10.75
C PHE A 58 -11.51 -10.64 -11.85
N ARG A 59 -11.53 -9.34 -12.13
CA ARG A 59 -10.63 -8.75 -13.13
C ARG A 59 -9.24 -8.47 -12.58
N ASN A 60 -8.24 -9.13 -13.13
CA ASN A 60 -6.84 -8.92 -12.68
C ASN A 60 -6.20 -7.92 -13.62
N ARG A 61 -5.73 -6.78 -13.10
CA ARG A 61 -5.16 -5.69 -13.92
C ARG A 61 -3.68 -5.52 -13.58
N GLU A 62 -3.03 -6.53 -13.03
CA GLU A 62 -1.63 -6.35 -12.59
C GLU A 62 -0.79 -5.89 -13.79
N LEU A 63 -0.81 -6.60 -14.92
CA LEU A 63 0.15 -6.26 -15.98
C LEU A 63 -0.15 -4.81 -16.49
N GLN A 64 -1.39 -4.51 -16.82
CA GLN A 64 -1.73 -3.24 -17.48
C GLN A 64 -1.44 -2.07 -16.52
N ILE A 65 -1.74 -2.23 -15.24
CA ILE A 65 -1.44 -1.14 -14.28
C ILE A 65 0.08 -1.01 -14.09
N MET A 66 0.79 -2.10 -13.87
CA MET A 66 2.28 -2.04 -13.81
CA MET A 66 2.27 -2.00 -13.80
C MET A 66 2.86 -1.36 -15.08
N GLN A 67 2.37 -1.66 -16.28
CA GLN A 67 2.87 -0.97 -17.50
C GLN A 67 2.61 0.54 -17.44
N ASP A 68 1.42 0.95 -17.01
CA ASP A 68 1.11 2.40 -16.92
C ASP A 68 2.01 3.07 -15.89
N LEU A 69 2.33 2.39 -14.78
CA LEU A 69 3.16 3.01 -13.72
C LEU A 69 4.63 2.99 -14.12
N ALA A 70 5.04 2.08 -14.97
CA ALA A 70 6.48 1.94 -15.32
C ALA A 70 6.96 3.20 -16.05
N VAL A 71 6.09 3.99 -16.64
CA VAL A 71 6.47 5.23 -17.30
C VAL A 71 6.91 6.27 -16.29
N LEU A 72 6.40 6.19 -15.08
CA LEU A 72 6.67 7.25 -14.05
C LEU A 72 8.02 7.04 -13.36
N HIS A 73 8.48 5.83 -13.05
CA HIS A 73 9.76 5.67 -12.28
C HIS A 73 9.60 6.27 -10.85
N HIS A 74 8.46 6.04 -10.21
CA HIS A 74 8.23 6.60 -8.87
C HIS A 74 9.03 5.87 -7.77
N PRO A 75 9.81 6.60 -6.94
CA PRO A 75 10.69 5.89 -5.99
C PRO A 75 9.98 4.98 -4.96
N ASN A 76 8.67 5.14 -4.80
CA ASN A 76 7.91 4.32 -3.84
C ASN A 76 6.91 3.38 -4.49
N ILE A 77 7.13 3.05 -5.75
CA ILE A 77 6.29 2.09 -6.45
C ILE A 77 7.25 1.15 -7.19
N VAL A 78 6.99 -0.15 -7.19
CA VAL A 78 7.83 -1.15 -7.93
C VAL A 78 7.79 -0.83 -9.42
N GLN A 79 8.87 -1.10 -10.12
CA GLN A 79 8.99 -0.78 -11.54
C GLN A 79 9.01 -2.11 -12.30
N LEU A 80 8.06 -2.31 -13.18
CA LEU A 80 8.06 -3.48 -14.08
C LEU A 80 9.33 -3.51 -14.92
N GLN A 81 9.96 -4.67 -15.05
CA GLN A 81 11.20 -4.89 -15.82
C GLN A 81 10.86 -5.76 -17.02
N SER A 82 9.90 -6.64 -16.88
CA SER A 82 9.64 -7.72 -17.86
C SER A 82 8.29 -8.36 -17.56
N TYR A 83 7.63 -8.94 -18.57
CA TYR A 83 6.56 -9.91 -18.38
C TYR A 83 6.66 -11.01 -19.41
N PHE A 84 6.23 -12.18 -19.00
CA PHE A 84 6.31 -13.36 -19.89
C PHE A 84 5.38 -14.43 -19.35
N TYR A 85 5.14 -15.46 -20.15
CA TYR A 85 4.17 -16.54 -19.85
C TYR A 85 4.91 -17.86 -19.73
N THR A 86 4.57 -18.64 -18.73
CA THR A 86 5.15 -19.96 -18.45
C THR A 86 4.04 -21.01 -18.33
N LEU A 87 4.40 -22.25 -18.68
CA LEU A 87 3.49 -23.41 -18.45
C LEU A 87 3.53 -23.80 -16.99
N GLY A 88 2.43 -24.37 -16.43
CA GLY A 88 2.30 -24.72 -15.03
C GLY A 88 3.25 -25.86 -14.68
N GLU A 89 3.71 -25.88 -13.42
CA GLU A 89 4.63 -26.91 -12.83
C GLU A 89 3.91 -28.27 -12.75
N ARG A 90 2.70 -28.31 -12.16
CA ARG A 90 2.00 -29.60 -11.82
C ARG A 90 1.06 -30.01 -12.99
N ASP A 91 0.65 -29.06 -13.83
CA ASP A 91 -0.16 -29.31 -15.04
C ASP A 91 0.23 -28.34 -16.14
N ARG A 92 0.86 -28.86 -17.18
CA ARG A 92 1.47 -28.04 -18.23
C ARG A 92 0.43 -27.40 -19.14
N ARG A 93 -0.87 -27.65 -18.98
CA ARG A 93 -1.89 -26.97 -19.80
C ARG A 93 -2.15 -25.58 -19.24
N ASP A 94 -1.89 -25.41 -17.96
CA ASP A 94 -2.04 -24.09 -17.30
C ASP A 94 -0.94 -23.19 -17.83
N ILE A 95 -1.28 -21.95 -18.13
CA ILE A 95 -0.28 -20.92 -18.51
C ILE A 95 -0.43 -19.77 -17.49
N TYR A 96 0.69 -19.27 -17.04
CA TYR A 96 0.71 -18.15 -16.03
C TYR A 96 1.44 -16.95 -16.54
N LEU A 97 0.85 -15.79 -16.30
CA LEU A 97 1.56 -14.51 -16.42
C LEU A 97 2.69 -14.51 -15.37
N ASN A 98 3.82 -13.99 -15.77
CA ASN A 98 4.93 -13.71 -14.83
C ASN A 98 5.26 -12.23 -15.04
N VAL A 99 5.36 -11.49 -13.95
CA VAL A 99 5.84 -10.10 -13.96
C VAL A 99 7.14 -10.05 -13.16
N VAL A 100 8.05 -9.31 -13.69
CA VAL A 100 9.37 -9.11 -13.07
C VAL A 100 9.51 -7.66 -12.62
N MET A 101 9.94 -7.44 -11.39
CA MET A 101 10.13 -6.10 -10.88
C MET A 101 11.35 -6.13 -9.96
N GLU A 102 11.76 -4.98 -9.43
CA GLU A 102 12.94 -5.03 -8.58
C GLU A 102 12.60 -5.72 -7.28
N TYR A 103 13.60 -6.34 -6.68
CA TYR A 103 13.37 -7.02 -5.44
C TYR A 103 13.49 -6.13 -4.22
N VAL A 104 12.53 -6.26 -3.31
CA VAL A 104 12.63 -5.52 -1.99
C VAL A 104 12.64 -6.57 -0.88
N PRO A 105 13.56 -6.49 0.09
CA PRO A 105 13.84 -7.67 0.90
C PRO A 105 12.78 -8.02 1.92
N ASP A 106 11.85 -7.13 2.24
CA ASP A 106 10.89 -7.41 3.32
C ASP A 106 9.52 -6.80 3.07
N THR A 107 8.55 -7.28 3.81
CA THR A 107 7.23 -6.65 3.84
C THR A 107 7.16 -5.78 5.10
N LEU A 108 6.27 -4.80 5.06
CA LEU A 108 6.02 -4.01 6.27
C LEU A 108 5.43 -4.93 7.35
N HIS A 109 4.58 -5.85 6.95
CA HIS A 109 4.00 -6.82 7.92
C HIS A 109 5.13 -7.53 8.70
N ARG A 110 6.07 -8.11 7.97
CA ARG A 110 7.13 -8.92 8.63
C ARG A 110 8.05 -8.00 9.44
N CYS A 111 8.41 -6.84 8.88
CA CYS A 111 9.32 -5.90 9.54
C CYS A 111 8.69 -5.49 10.89
N CYS A 112 7.41 -5.16 10.91
CA CYS A 112 6.73 -4.75 12.16
C CYS A 112 6.61 -5.94 13.13
N ARG A 113 6.21 -7.09 12.64
CA ARG A 113 6.06 -8.33 13.43
C ARG A 113 7.40 -8.74 14.06
N ASN A 114 8.53 -8.49 13.42
CA ASN A 114 9.82 -8.79 14.08
C ASN A 114 9.98 -7.93 15.36
N TYR A 115 9.51 -6.70 15.34
CA TYR A 115 9.61 -5.88 16.53
C TYR A 115 8.63 -6.34 17.59
N TYR A 116 7.37 -6.44 17.24
CA TYR A 116 6.32 -6.81 18.24
C TYR A 116 6.60 -8.19 18.86
N ARG A 117 7.11 -9.15 18.11
CA ARG A 117 7.34 -10.48 18.65
C ARG A 117 8.51 -10.51 19.64
N ARG A 118 9.43 -9.57 19.51
CA ARG A 118 10.53 -9.47 20.47
C ARG A 118 10.22 -8.43 21.53
N GLN A 119 8.94 -8.07 21.65
CA GLN A 119 8.48 -7.15 22.69
C GLN A 119 9.07 -5.76 22.60
N VAL A 120 9.01 -5.20 21.39
CA VAL A 120 9.49 -3.85 21.15
C VAL A 120 8.54 -3.23 20.12
N ALA A 121 8.15 -1.99 20.27
CA ALA A 121 7.38 -1.35 19.20
C ALA A 121 8.39 -0.88 18.17
N PRO A 122 8.03 -0.81 16.88
CA PRO A 122 9.06 -0.30 15.97
C PRO A 122 9.54 1.13 16.31
N PRO A 123 10.82 1.49 16.05
CA PRO A 123 11.27 2.83 16.36
C PRO A 123 10.38 3.87 15.70
N PRO A 124 10.00 4.86 16.48
CA PRO A 124 9.13 5.92 15.93
C PRO A 124 9.63 6.52 14.60
N ILE A 125 10.92 6.70 14.40
CA ILE A 125 11.38 7.36 13.16
C ILE A 125 11.19 6.41 11.96
N LEU A 126 11.18 5.07 12.18
CA LEU A 126 10.94 4.10 11.10
C LEU A 126 9.45 4.13 10.70
N ILE A 127 8.56 4.20 11.67
CA ILE A 127 7.12 4.31 11.39
C ILE A 127 6.93 5.59 10.54
N LYS A 128 7.51 6.67 10.99
CA LYS A 128 7.35 8.00 10.36
C LYS A 128 7.88 7.92 8.93
N VAL A 129 9.06 7.49 8.65
CA VAL A 129 9.64 7.51 7.27
C VAL A 129 8.87 6.55 6.37
N PHE A 130 8.47 5.37 6.97
CA PHE A 130 7.63 4.45 6.18
C PHE A 130 6.29 5.12 5.84
N LEU A 131 5.64 5.76 6.80
CA LEU A 131 4.37 6.38 6.52
C LEU A 131 4.49 7.46 5.44
N PHE A 132 5.52 8.26 5.52
CA PHE A 132 5.72 9.35 4.55
C PHE A 132 5.73 8.74 3.13
N GLN A 133 6.51 7.67 2.98
CA GLN A 133 6.65 7.00 1.67
C GLN A 133 5.38 6.32 1.22
N LEU A 134 4.63 5.71 2.11
CA LEU A 134 3.40 5.05 1.74
C LEU A 134 2.40 6.10 1.25
N ILE A 135 2.33 7.20 1.97
CA ILE A 135 1.44 8.29 1.56
C ILE A 135 1.93 8.87 0.21
N ARG A 136 3.24 8.97 0.03
CA ARG A 136 3.73 9.48 -1.25
C ARG A 136 3.30 8.52 -2.35
N SER A 137 3.30 7.20 -2.10
CA SER A 137 2.98 6.22 -3.15
C SER A 137 1.53 6.40 -3.61
N ILE A 138 0.60 6.60 -2.69
CA ILE A 138 -0.79 6.82 -3.07
C ILE A 138 -0.96 8.20 -3.67
N GLY A 139 -0.22 9.17 -3.18
CA GLY A 139 -0.20 10.52 -3.80
C GLY A 139 -0.03 10.33 -5.29
N CYS A 140 1.01 9.57 -5.67
CA CYS A 140 1.33 9.30 -7.11
C CYS A 140 0.21 8.55 -7.83
N LEU A 141 -0.33 7.49 -7.23
CA LEU A 141 -1.38 6.68 -7.84
C LEU A 141 -2.60 7.61 -8.10
N HIS A 142 -2.89 8.53 -7.20
CA HIS A 142 -4.18 9.29 -7.23
C HIS A 142 -4.05 10.56 -8.07
N LEU A 143 -2.90 10.85 -8.64
CA LEU A 143 -2.76 12.01 -9.51
C LEU A 143 -3.82 11.97 -10.61
N PRO A 144 -4.27 13.11 -11.14
CA PRO A 144 -5.19 13.04 -12.28
C PRO A 144 -4.56 12.37 -13.49
N SER A 145 -3.23 12.46 -13.65
CA SER A 145 -2.49 11.88 -14.79
C SER A 145 -2.33 10.36 -14.65
N VAL A 146 -2.65 9.82 -13.48
CA VAL A 146 -2.50 8.39 -13.23
C VAL A 146 -3.85 7.79 -12.88
N ASN A 147 -4.52 8.34 -11.86
CA ASN A 147 -5.88 7.89 -11.54
C ASN A 147 -5.98 6.42 -11.21
N VAL A 148 -5.03 5.88 -10.44
CA VAL A 148 -5.10 4.49 -10.06
C VAL A 148 -5.51 4.28 -8.61
N CYS A 149 -6.59 3.54 -8.38
CA CYS A 149 -7.00 3.15 -7.03
C CYS A 149 -6.49 1.73 -6.77
N HIS A 150 -5.64 1.53 -5.77
CA HIS A 150 -5.05 0.21 -5.54
C HIS A 150 -6.13 -0.74 -5.02
N ARG A 151 -6.96 -0.29 -4.08
CA ARG A 151 -8.07 -1.08 -3.55
C ARG A 151 -7.71 -2.35 -2.76
N ASP A 152 -6.44 -2.57 -2.44
CA ASP A 152 -6.09 -3.72 -1.60
C ASP A 152 -4.81 -3.45 -0.79
N ILE A 153 -4.55 -2.20 -0.44
CA ILE A 153 -3.37 -1.87 0.35
C ILE A 153 -3.40 -2.50 1.74
N LYS A 154 -2.34 -3.21 2.04
CA LYS A 154 -2.26 -3.90 3.36
C LYS A 154 -0.81 -4.11 3.72
N PRO A 155 -0.47 -4.40 4.99
CA PRO A 155 0.95 -4.49 5.36
C PRO A 155 1.63 -5.57 4.53
N HIS A 156 0.89 -6.56 4.06
CA HIS A 156 1.48 -7.65 3.32
C HIS A 156 1.93 -7.30 1.89
N ASN A 157 1.47 -6.17 1.34
CA ASN A 157 1.96 -5.79 0.00
C ASN A 157 2.58 -4.40 -0.01
N VAL A 158 2.99 -3.93 1.16
CA VAL A 158 3.85 -2.76 1.33
C VAL A 158 5.25 -3.35 1.59
N LEU A 159 6.16 -3.08 0.71
CA LEU A 159 7.53 -3.63 0.74
C LEU A 159 8.44 -2.60 1.42
N VAL A 160 9.37 -3.07 2.24
CA VAL A 160 10.32 -2.17 2.94
C VAL A 160 11.73 -2.77 2.93
N ASN A 161 12.68 -1.88 2.99
CA ASN A 161 14.07 -2.22 3.34
C ASN A 161 14.36 -1.47 4.65
N GLU A 162 14.30 -2.16 5.76
CA GLU A 162 14.53 -1.53 7.02
C GLU A 162 15.92 -0.90 7.12
N ALA A 163 16.94 -1.53 6.54
CA ALA A 163 18.33 -1.04 6.66
C ALA A 163 18.41 0.35 6.06
N ASP A 164 17.75 0.63 4.95
CA ASP A 164 17.88 1.99 4.36
C ASP A 164 16.61 2.80 4.47
N GLY A 165 15.62 2.31 5.20
CA GLY A 165 14.36 3.05 5.46
C GLY A 165 13.50 3.25 4.25
N THR A 166 13.68 2.47 3.19
CA THR A 166 12.88 2.63 1.97
C THR A 166 11.64 1.73 1.92
N LEU A 167 10.68 2.20 1.14
CA LEU A 167 9.42 1.54 1.01
C LEU A 167 8.89 1.62 -0.42
N LYS A 168 8.28 0.56 -0.89
CA LYS A 168 7.62 0.49 -2.21
C LYS A 168 6.28 -0.20 -2.11
N LEU A 169 5.28 0.34 -2.80
CA LEU A 169 3.97 -0.32 -2.93
C LEU A 169 3.96 -1.31 -4.10
N CYS A 170 3.34 -2.46 -3.95
CA CYS A 170 3.24 -3.42 -5.05
C CYS A 170 1.87 -4.08 -5.10
N ASP A 171 1.72 -5.18 -5.83
CA ASP A 171 0.48 -5.95 -5.84
C ASP A 171 -0.71 -5.21 -6.42
N PHE A 172 -0.65 -4.91 -7.71
CA PHE A 172 -1.74 -4.19 -8.36
C PHE A 172 -2.83 -5.01 -9.10
N GLY A 173 -3.00 -6.28 -8.77
CA GLY A 173 -4.03 -7.13 -9.42
C GLY A 173 -5.46 -6.59 -9.22
N SER A 174 -5.72 -5.95 -8.09
CA SER A 174 -7.06 -5.47 -7.68
C SER A 174 -7.22 -4.00 -8.07
N ALA A 175 -6.18 -3.36 -8.57
CA ALA A 175 -6.20 -1.93 -8.86
C ALA A 175 -7.09 -1.62 -10.07
N LYS A 176 -7.60 -0.40 -10.10
CA LYS A 176 -8.43 0.04 -11.21
C LYS A 176 -8.55 1.55 -11.28
N LYS A 177 -8.60 2.10 -12.50
CA LYS A 177 -8.90 3.53 -12.66
C LYS A 177 -10.40 3.69 -12.49
N LEU A 178 -10.80 4.44 -11.48
CA LEU A 178 -12.20 4.66 -11.21
C LEU A 178 -12.77 5.93 -11.83
N SER A 179 -14.05 5.92 -12.12
CA SER A 179 -14.81 7.07 -12.69
C SER A 179 -16.09 7.27 -11.87
N PRO A 180 -16.52 8.53 -11.57
CA PRO A 180 -17.81 8.64 -10.87
C PRO A 180 -18.99 8.08 -11.72
N SER A 181 -18.83 8.01 -13.02
CA SER A 181 -19.86 7.51 -13.98
C SER A 181 -19.97 5.97 -13.93
N GLU A 182 -18.93 5.22 -13.54
CA GLU A 182 -18.88 3.74 -13.78
C GLU A 182 -18.89 2.98 -12.44
N PRO A 183 -19.58 1.78 -12.40
CA PRO A 183 -19.67 1.08 -11.12
C PRO A 183 -18.59 0.03 -10.87
N ASN A 184 -18.37 -0.29 -9.61
CA ASN A 184 -17.28 -1.20 -9.27
C ASN A 184 -17.78 -2.32 -8.36
N VAL A 185 -16.88 -3.17 -7.86
CA VAL A 185 -17.22 -4.28 -6.99
C VAL A 185 -16.86 -3.79 -5.61
N ALA A 186 -17.82 -3.77 -4.68
CA ALA A 186 -17.55 -3.23 -3.35
C ALA A 186 -16.74 -4.17 -2.48
N ILE A 188 -13.88 -5.61 -2.37
CA ILE A 188 -12.47 -5.70 -2.71
C ILE A 188 -11.80 -5.30 -1.41
N CYS A 189 -10.50 -5.54 -1.31
CA CYS A 189 -9.73 -5.17 -0.13
C CYS A 189 -9.79 -6.24 0.97
N SER A 190 -8.77 -6.30 1.83
CA SER A 190 -8.81 -7.26 2.91
C SER A 190 -9.81 -6.62 3.83
N ARG A 191 -10.70 -7.42 4.46
CA ARG A 191 -11.73 -6.84 5.32
C ARG A 191 -11.19 -5.85 6.35
N TYR A 192 -10.04 -6.07 6.94
CA TYR A 192 -9.59 -5.21 8.07
C TYR A 192 -9.25 -3.78 7.57
N TYR A 193 -8.97 -3.63 6.29
CA TYR A 193 -8.46 -2.34 5.69
C TYR A 193 -9.54 -1.66 4.83
N ARG A 194 -10.76 -2.22 4.84
CA ARG A 194 -11.92 -1.82 3.97
C ARG A 194 -12.61 -0.55 4.53
N ALA A 195 -12.67 0.49 3.72
CA ALA A 195 -13.25 1.80 4.11
C ALA A 195 -14.75 1.60 4.35
N PRO A 196 -15.36 2.43 5.20
CA PRO A 196 -16.79 2.34 5.50
C PRO A 196 -17.66 2.34 4.23
N GLU A 197 -17.35 3.17 3.24
CA GLU A 197 -18.21 3.21 2.03
C GLU A 197 -18.22 1.84 1.36
N LEU A 198 -17.13 1.05 1.45
CA LEU A 198 -17.07 -0.31 0.85
C LEU A 198 -17.82 -1.28 1.76
N ILE A 199 -17.74 -1.13 3.07
CA ILE A 199 -18.47 -2.03 4.03
C ILE A 199 -19.97 -1.91 3.70
N PHE A 200 -20.43 -0.72 3.31
CA PHE A 200 -21.85 -0.42 3.03
C PHE A 200 -22.26 -0.91 1.63
N GLY A 201 -21.34 -1.49 0.84
CA GLY A 201 -21.62 -2.11 -0.46
C GLY A 201 -21.79 -1.09 -1.59
N ASN A 202 -21.39 0.16 -1.37
CA ASN A 202 -21.37 1.18 -2.44
C ASN A 202 -20.60 0.67 -3.65
N GLN A 203 -21.17 0.76 -4.85
CA GLN A 203 -20.47 0.36 -6.09
C GLN A 203 -19.74 1.57 -6.69
N HIS A 204 -20.10 2.77 -6.29
CA HIS A 204 -19.42 4.01 -6.71
C HIS A 204 -18.65 4.56 -5.52
N TYR A 205 -17.35 4.73 -5.72
CA TYR A 205 -16.43 5.12 -4.63
C TYR A 205 -15.22 5.71 -5.32
N THR A 206 -14.29 6.24 -4.53
CA THR A 206 -13.18 7.08 -5.05
C THR A 206 -11.85 6.48 -4.57
N THR A 207 -10.77 7.09 -5.01
CA THR A 207 -9.41 6.78 -4.56
C THR A 207 -9.25 7.01 -3.07
N SER A 208 -10.17 7.72 -2.39
CA SER A 208 -10.11 7.89 -0.92
C SER A 208 -10.21 6.57 -0.17
N VAL A 209 -10.63 5.48 -0.81
CA VAL A 209 -10.62 4.20 -0.12
C VAL A 209 -9.19 3.82 0.26
N ASP A 210 -8.22 4.23 -0.56
CA ASP A 210 -6.82 3.93 -0.27
C ASP A 210 -6.32 4.70 0.94
N ILE A 211 -6.82 5.92 1.12
CA ILE A 211 -6.43 6.72 2.28
C ILE A 211 -6.87 6.02 3.56
N TRP A 212 -8.08 5.48 3.57
CA TRP A 212 -8.52 4.73 4.73
C TRP A 212 -7.55 3.59 5.02
N SER A 213 -7.24 2.81 4.01
CA SER A 213 -6.33 1.64 4.16
C SER A 213 -5.02 2.12 4.73
N VAL A 214 -4.49 3.23 4.22
CA VAL A 214 -3.22 3.77 4.74
C VAL A 214 -3.33 4.19 6.23
N GLY A 215 -4.42 4.83 6.60
CA GLY A 215 -4.65 5.15 8.02
C GLY A 215 -4.66 3.87 8.87
N CYS A 216 -5.34 2.85 8.40
CA CYS A 216 -5.41 1.57 9.09
C CYS A 216 -3.99 1.04 9.31
N ILE A 217 -3.15 1.16 8.31
CA ILE A 217 -1.79 0.66 8.41
C ILE A 217 -0.95 1.48 9.40
N PHE A 218 -1.12 2.80 9.39
CA PHE A 218 -0.45 3.68 10.35
C PHE A 218 -0.80 3.18 11.76
N ALA A 219 -2.09 2.93 11.98
CA ALA A 219 -2.52 2.41 13.32
C ALA A 219 -1.84 1.07 13.62
N GLU A 220 -1.82 0.16 12.65
CA GLU A 220 -1.26 -1.15 12.91
C GLU A 220 0.22 -1.10 13.15
N MET A 221 0.88 -0.15 12.55
CA MET A 221 2.35 -0.01 12.81
C MET A 221 2.56 0.39 14.28
N MET A 222 1.63 1.14 14.85
CA MET A 222 1.79 1.66 16.23
C MET A 222 1.13 0.71 17.23
N LEU A 223 0.27 -0.21 16.80
CA LEU A 223 -0.46 -1.14 17.70
C LEU A 223 0.16 -2.54 17.70
N GLY A 224 0.54 -3.07 16.58
CA GLY A 224 1.10 -4.44 16.47
C GLY A 224 0.08 -5.45 16.04
N GLU A 225 -1.16 -5.03 15.85
CA GLU A 225 -2.17 -5.89 15.20
C GLU A 225 -3.12 -4.97 14.47
N PRO A 226 -4.00 -5.48 13.58
CA PRO A 226 -4.94 -4.64 12.88
C PRO A 226 -5.86 -4.00 13.88
N ILE A 227 -6.18 -2.73 13.65
CA ILE A 227 -7.00 -1.96 14.57
C ILE A 227 -8.50 -2.27 14.47
N PHE A 228 -8.98 -2.59 13.29
CA PHE A 228 -10.39 -2.89 13.09
C PHE A 228 -10.44 -4.33 12.65
N ARG A 229 -10.78 -5.26 13.57
CA ARG A 229 -10.79 -6.70 13.26
C ARG A 229 -12.18 -7.30 13.39
N GLY A 230 -13.01 -7.14 12.36
CA GLY A 230 -14.35 -7.71 12.39
C GLY A 230 -14.39 -9.12 11.84
N ASP A 231 -15.43 -9.89 12.18
CA ASP A 231 -15.62 -11.26 11.60
C ASP A 231 -16.42 -11.19 10.28
N ASN A 232 -17.02 -10.04 9.93
CA ASN A 232 -17.86 -9.91 8.72
C ASN A 232 -18.13 -8.43 8.42
N SER A 233 -18.76 -8.09 7.29
CA SER A 233 -19.06 -6.69 7.01
C SER A 233 -19.63 -5.93 8.17
N ALA A 234 -20.61 -6.47 8.87
CA ALA A 234 -21.22 -5.72 9.94
C ALA A 234 -20.27 -5.73 11.13
N GLY A 235 -19.66 -6.88 11.42
CA GLY A 235 -18.60 -6.96 12.43
C GLY A 235 -17.57 -5.85 12.20
N GLN A 236 -17.22 -5.60 10.95
CA GLN A 236 -16.18 -4.60 10.58
C GLN A 236 -16.67 -3.19 10.97
N LEU A 237 -17.93 -2.87 10.68
CA LEU A 237 -18.49 -1.54 11.02
C LEU A 237 -18.55 -1.38 12.54
N HIS A 238 -19.01 -2.44 13.23
CA HIS A 238 -19.03 -2.45 14.70
C HIS A 238 -17.65 -2.12 15.27
N GLU A 239 -16.60 -2.79 14.79
CA GLU A 239 -15.22 -2.56 15.31
C GLU A 239 -14.79 -1.12 15.03
N ILE A 240 -15.11 -0.58 13.85
CA ILE A 240 -14.75 0.83 13.50
C ILE A 240 -15.48 1.75 14.46
N VAL A 241 -16.76 1.52 14.60
CA VAL A 241 -17.61 2.42 15.44
C VAL A 241 -17.15 2.26 16.89
N ARG A 242 -16.82 1.04 17.31
CA ARG A 242 -16.33 0.85 18.71
C ARG A 242 -15.15 1.76 19.01
N VAL A 243 -14.23 1.90 18.06
CA VAL A 243 -12.95 2.64 18.25
C VAL A 243 -13.14 4.12 17.94
N LEU A 244 -13.76 4.47 16.80
CA LEU A 244 -13.77 5.89 16.36
C LEU A 244 -14.96 6.63 16.97
N GLY A 245 -15.97 5.91 17.44
CA GLY A 245 -17.21 6.56 17.92
C GLY A 245 -18.24 6.53 16.83
N CYS A 246 -19.51 6.58 17.20
CA CYS A 246 -20.61 6.51 16.21
C CYS A 246 -20.67 7.85 15.51
N PRO A 247 -20.69 7.85 14.16
CA PRO A 247 -20.85 9.09 13.43
C PRO A 247 -22.32 9.49 13.53
N SER A 248 -22.60 10.72 13.13
CA SER A 248 -23.95 11.33 13.10
C SER A 248 -24.84 10.52 12.17
N ARG A 249 -26.15 10.74 12.21
CA ARG A 249 -27.06 10.04 11.33
C ARG A 249 -26.92 10.51 9.89
N GLU A 250 -26.60 11.77 9.70
CA GLU A 250 -26.38 12.36 8.35
C GLU A 250 -25.22 11.61 7.66
N VAL A 251 -24.10 11.47 8.38
CA VAL A 251 -22.92 10.68 7.89
C VAL A 251 -23.36 9.26 7.51
N LEU A 252 -24.08 8.56 8.40
CA LEU A 252 -24.51 7.16 8.16
C LEU A 252 -25.47 7.12 6.95
N ARG A 253 -26.33 8.12 6.80
CA ARG A 253 -27.26 8.19 5.66
C ARG A 253 -26.43 8.43 4.40
N LYS A 254 -25.43 9.33 4.42
CA LYS A 254 -24.56 9.56 3.22
C LYS A 254 -23.86 8.25 2.82
N LEU A 255 -23.32 7.47 3.78
CA LEU A 255 -22.60 6.21 3.48
C LEU A 255 -23.57 5.11 3.04
N ASN A 256 -24.78 5.05 3.60
CA ASN A 256 -25.67 3.90 3.29
C ASN A 256 -26.29 4.16 1.92
N PRO A 257 -26.05 3.23 0.93
CA PRO A 257 -26.52 3.59 -0.42
C PRO A 257 -27.99 3.94 -0.55
N SER A 258 -28.84 3.18 0.11
CA SER A 258 -30.31 3.45 0.10
C SER A 258 -30.61 4.75 0.79
N HIS A 259 -29.67 5.27 1.55
CA HIS A 259 -29.73 6.58 2.26
C HIS A 259 -30.78 6.54 3.41
N THR A 260 -31.07 5.34 3.89
CA THR A 260 -31.99 5.17 5.00
C THR A 260 -31.46 4.15 6.04
N ASP A 263 -28.49 2.66 12.91
CA ASP A 263 -28.82 1.21 13.02
C ASP A 263 -27.79 0.49 13.92
N LEU A 264 -27.07 1.23 14.77
CA LEU A 264 -25.96 0.65 15.54
C LEU A 264 -25.73 1.27 16.91
N TYR A 265 -24.96 0.61 17.75
CA TYR A 265 -24.65 1.16 19.06
C TYR A 265 -24.02 2.52 18.97
N ASN A 266 -24.33 3.38 19.93
CA ASN A 266 -23.80 4.76 19.86
C ASN A 266 -22.52 4.88 20.68
N SER A 267 -21.47 4.14 20.31
CA SER A 267 -20.12 4.19 20.96
C SER A 267 -19.63 5.63 21.06
N LYS A 268 -18.97 6.04 22.15
CA LYS A 268 -18.30 7.37 22.17
C LYS A 268 -16.88 7.22 21.59
N GLY A 269 -16.46 6.01 21.24
CA GLY A 269 -15.11 5.73 20.68
C GLY A 269 -14.04 5.80 21.76
N ILE A 270 -12.88 5.20 21.51
CA ILE A 270 -11.69 5.13 22.41
C ILE A 270 -10.67 6.20 22.01
N PRO A 271 -10.11 7.01 22.93
CA PRO A 271 -9.05 7.96 22.56
C PRO A 271 -7.83 7.16 22.06
N TRP A 272 -7.10 7.69 21.11
CA TRP A 272 -5.93 6.97 20.52
C TRP A 272 -4.97 6.57 21.62
N SER A 273 -4.81 7.42 22.62
CA SER A 273 -3.91 7.13 23.72
C SER A 273 -4.25 5.84 24.45
N SER A 274 -5.54 5.53 24.56
CA SER A 274 -5.90 4.23 25.20
C SER A 274 -5.77 3.09 24.17
N VAL A 275 -5.87 3.36 22.88
CA VAL A 275 -5.68 2.26 21.92
C VAL A 275 -4.19 1.87 21.94
N PHE A 276 -3.27 2.81 21.88
CA PHE A 276 -1.84 2.49 21.64
C PHE A 276 -0.98 2.35 22.89
N CYS A 277 -1.32 3.07 23.93
CA CYS A 277 -0.62 2.94 25.24
C CYS A 277 0.88 3.21 25.00
N ASP A 278 1.21 4.32 24.36
CA ASP A 278 2.59 4.67 24.02
C ASP A 278 2.91 6.03 24.58
N HIS A 279 3.33 6.06 25.84
CA HIS A 279 3.63 7.32 26.48
C HIS A 279 5.01 7.87 26.17
N SER A 280 5.87 7.06 25.56
CA SER A 280 7.21 7.54 25.18
C SER A 280 7.20 8.22 23.79
N LEU A 281 6.09 8.12 23.03
CA LEU A 281 6.05 8.72 21.65
C LEU A 281 5.97 10.24 21.85
N LYS A 282 7.05 11.00 21.58
CA LYS A 282 7.19 12.43 21.97
C LYS A 282 6.21 13.30 21.17
N ASP A 283 5.85 12.93 19.94
CA ASP A 283 4.93 13.74 19.10
C ASP A 283 3.62 12.98 18.88
N ALA A 284 3.13 12.29 19.91
CA ALA A 284 1.91 11.49 19.85
C ALA A 284 0.78 12.41 19.41
N LYS A 285 0.75 13.63 19.93
CA LYS A 285 -0.39 14.51 19.56
C LYS A 285 -0.48 14.69 18.02
N GLU A 286 0.63 15.03 17.36
CA GLU A 286 0.74 15.17 15.90
C GLU A 286 0.39 13.83 15.25
N ALA A 287 0.97 12.73 15.75
CA ALA A 287 0.74 11.42 15.12
C ALA A 287 -0.75 11.14 15.10
N TYR A 288 -1.41 11.36 16.25
CA TYR A 288 -2.83 11.05 16.42
C TYR A 288 -3.69 12.01 15.63
N ASP A 289 -3.30 13.27 15.48
CA ASP A 289 -4.06 14.23 14.64
C ASP A 289 -4.07 13.68 13.18
N LEU A 290 -2.91 13.31 12.72
CA LEU A 290 -2.71 12.79 11.32
C LEU A 290 -3.58 11.55 11.18
N LEU A 291 -3.52 10.63 12.12
CA LEU A 291 -4.28 9.40 12.02
C LEU A 291 -5.77 9.66 11.90
N SER A 292 -6.27 10.51 12.76
CA SER A 292 -7.70 10.90 12.72
C SER A 292 -8.05 11.57 11.38
N ALA A 293 -7.16 12.36 10.79
CA ALA A 293 -7.39 13.06 9.51
C ALA A 293 -7.44 12.05 8.36
N LEU A 294 -6.75 10.92 8.48
CA LEU A 294 -6.84 9.88 7.46
C LEU A 294 -8.07 9.01 7.67
N LEU A 295 -8.43 8.75 8.92
CA LEU A 295 -9.55 7.90 9.24
C LEU A 295 -10.89 8.61 9.45
N GLN A 296 -11.33 9.34 8.46
CA GLN A 296 -12.59 10.13 8.53
C GLN A 296 -13.59 9.19 7.89
N TYR A 297 -14.80 9.13 8.44
CA TYR A 297 -15.88 8.29 7.89
C TYR A 297 -16.21 8.65 6.46
N LEU A 298 -16.42 9.94 6.16
CA LEU A 298 -16.80 10.40 4.81
C LEU A 298 -15.55 10.46 3.97
N PRO A 299 -15.54 9.86 2.76
CA PRO A 299 -14.35 9.84 1.92
C PRO A 299 -13.78 11.20 1.59
N GLU A 300 -14.63 12.18 1.33
CA GLU A 300 -14.18 13.51 0.94
C GLU A 300 -13.50 14.22 2.09
N ASP A 301 -13.81 13.83 3.33
CA ASP A 301 -13.22 14.53 4.50
C ASP A 301 -11.78 14.05 4.74
N ARG A 302 -11.39 12.93 4.15
CA ARG A 302 -10.05 12.37 4.48
C ARG A 302 -9.00 13.28 3.92
N MET A 303 -7.94 13.44 4.68
CA MET A 303 -6.78 14.26 4.28
C MET A 303 -6.14 13.64 3.01
N LYS A 304 -5.87 14.47 1.98
CA LYS A 304 -5.35 13.95 0.70
C LYS A 304 -3.86 13.79 0.89
N PRO A 305 -3.23 12.93 0.10
CA PRO A 305 -1.81 12.58 0.26
C PRO A 305 -0.90 13.79 0.29
N TYR A 306 -0.96 14.71 -0.68
CA TYR A 306 0.03 15.81 -0.68
C TYR A 306 -0.22 16.75 0.52
N GLU A 307 -1.42 16.81 1.05
CA GLU A 307 -1.60 17.65 2.23
C GLU A 307 -1.01 16.93 3.43
N ALA A 308 -1.23 15.62 3.47
CA ALA A 308 -0.71 14.81 4.58
C ALA A 308 0.82 14.80 4.60
N LEU A 309 1.48 14.85 3.47
CA LEU A 309 2.97 14.94 3.46
C LEU A 309 3.46 16.21 4.16
N CYS A 310 2.65 17.28 4.16
CA CYS A 310 3.04 18.57 4.77
C CYS A 310 2.64 18.60 6.25
N HIS A 311 2.06 17.53 6.77
CA HIS A 311 1.60 17.47 8.19
C HIS A 311 2.77 17.64 9.15
N PRO A 312 2.63 18.42 10.25
CA PRO A 312 3.75 18.63 11.17
C PRO A 312 4.36 17.34 11.73
N TYR A 313 3.68 16.22 11.82
CA TYR A 313 4.30 14.92 12.19
C TYR A 313 5.53 14.70 11.36
N PHE A 314 5.54 15.14 10.10
CA PHE A 314 6.70 14.80 9.24
C PHE A 314 7.84 15.83 9.31
N ASP A 315 7.72 16.86 10.15
CA ASP A 315 8.73 17.96 10.18
C ASP A 315 10.15 17.44 10.40
N GLU A 316 10.37 16.46 11.26
CA GLU A 316 11.78 16.06 11.54
C GLU A 316 12.40 15.37 10.32
N LEU A 317 11.60 14.89 9.35
CA LEU A 317 12.20 14.26 8.13
C LEU A 317 12.91 15.31 7.27
N HIS A 318 12.67 16.60 7.47
CA HIS A 318 13.39 17.69 6.75
C HIS A 318 14.77 17.97 7.36
N ASP A 319 15.09 17.43 8.53
CA ASP A 319 16.34 17.79 9.25
C ASP A 319 17.44 16.83 8.86
N SER A 320 18.55 17.32 8.28
CA SER A 320 19.68 16.43 7.92
C SER A 320 20.27 15.72 9.15
N ALA A 321 20.03 16.21 10.35
CA ALA A 321 20.52 15.60 11.59
C ALA A 321 19.66 14.37 11.93
N THR A 322 18.45 14.22 11.39
CA THR A 322 17.59 13.06 11.73
C THR A 322 18.15 11.79 11.09
N LYS A 323 18.30 10.71 11.85
CA LYS A 323 18.88 9.45 11.31
C LYS A 323 17.90 8.30 11.54
N LEU A 324 18.07 7.25 10.75
CA LEU A 324 17.35 5.97 10.99
C LEU A 324 17.95 5.34 12.22
N PRO A 325 17.32 4.28 12.76
CA PRO A 325 17.75 3.65 14.02
C PRO A 325 19.16 3.05 13.95
N ASN A 326 19.66 2.73 12.76
CA ASN A 326 21.02 2.22 12.57
C ASN A 326 22.00 3.36 12.28
N ASN A 327 21.60 4.61 12.52
CA ASN A 327 22.44 5.79 12.31
C ASN A 327 22.65 6.20 10.86
N LYS A 328 21.91 5.59 9.94
CA LYS A 328 22.05 5.91 8.54
C LYS A 328 21.25 7.14 8.18
N ASP A 329 21.67 7.90 7.19
CA ASP A 329 20.90 9.06 6.68
C ASP A 329 19.54 8.55 6.22
N LEU A 330 18.58 9.47 6.20
CA LEU A 330 17.27 9.18 5.60
C LEU A 330 17.45 8.96 4.12
N PRO A 331 16.52 8.23 3.47
CA PRO A 331 16.60 7.98 2.04
C PRO A 331 16.69 9.29 1.23
N GLU A 332 17.61 9.31 0.28
CA GLU A 332 17.89 10.50 -0.55
C GLU A 332 16.62 10.92 -1.32
N ASP A 333 15.76 9.98 -1.70
CA ASP A 333 14.61 10.24 -2.60
C ASP A 333 13.37 10.74 -1.83
N LEU A 334 13.35 10.88 -0.48
CA LEU A 334 12.13 11.28 0.24
C LEU A 334 11.48 12.49 -0.40
N PHE A 335 12.27 13.54 -0.65
CA PHE A 335 11.77 14.85 -1.15
C PHE A 335 12.14 15.06 -2.63
N ARG A 336 12.47 13.99 -3.34
CA ARG A 336 12.69 13.96 -4.83
C ARG A 336 11.36 13.69 -5.52
N PHE A 337 10.64 14.72 -5.96
CA PHE A 337 9.30 14.53 -6.55
C PHE A 337 9.43 14.50 -8.10
N LEU A 338 8.53 13.77 -8.74
CA LEU A 338 8.40 13.68 -10.22
C LEU A 338 7.81 15.01 -10.67
N PRO A 339 8.12 15.44 -11.92
CA PRO A 339 7.44 16.60 -12.49
C PRO A 339 5.91 16.55 -12.44
N SER A 340 5.35 15.37 -12.67
CA SER A 340 3.90 15.20 -12.66
C SER A 340 3.31 15.43 -11.27
N GLU A 341 4.12 15.17 -10.24
CA GLU A 341 3.67 15.40 -8.84
C GLU A 341 3.78 16.91 -8.58
N ILE A 342 4.90 17.48 -8.90
CA ILE A 342 5.22 18.90 -8.53
C ILE A 342 4.22 19.82 -9.25
N GLU A 343 3.95 19.54 -10.51
CA GLU A 343 3.12 20.46 -11.35
C GLU A 343 1.67 20.41 -10.87
N VAL A 344 1.24 19.47 -10.01
CA VAL A 344 -0.14 19.48 -9.46
C VAL A 344 -0.22 19.95 -8.00
N MET A 345 0.92 20.16 -7.36
CA MET A 345 0.97 20.63 -5.95
C MET A 345 0.48 22.09 -5.90
N SER A 346 -0.08 22.51 -4.78
CA SER A 346 -0.33 23.94 -4.44
C SER A 346 1.00 24.67 -4.22
N GLU A 347 0.99 26.00 -4.26
CA GLU A 347 2.18 26.78 -3.90
C GLU A 347 2.65 26.43 -2.47
N ALA A 348 1.76 26.31 -1.49
CA ALA A 348 2.19 25.99 -0.09
C ALA A 348 2.85 24.59 -0.03
N GLN A 349 2.30 23.62 -0.76
CA GLN A 349 2.87 22.24 -0.75
C GLN A 349 4.24 22.28 -1.44
N LYS A 350 4.38 22.96 -2.57
CA LYS A 350 5.72 23.09 -3.21
C LYS A 350 6.70 23.72 -2.22
N ALA A 351 6.33 24.78 -1.53
CA ALA A 351 7.26 25.46 -0.64
C ALA A 351 7.75 24.50 0.44
N LYS A 352 6.83 23.76 1.05
CA LYS A 352 7.20 22.78 2.06
C LYS A 352 7.97 21.56 1.58
N LEU A 353 7.55 20.97 0.47
CA LEU A 353 8.15 19.70 0.05
C LEU A 353 9.27 19.72 -0.99
N VAL A 354 9.29 20.72 -1.85
CA VAL A 354 10.26 20.75 -2.93
C VAL A 354 11.36 21.79 -2.69
#